data_8CRM
#
_entry.id   8CRM
#
_cell.length_a   36.817
_cell.length_b   36.817
_cell.length_c   141.205
_cell.angle_alpha   90.00
_cell.angle_beta   90.00
_cell.angle_gamma   90.00
#
_symmetry.space_group_name_H-M   'P 43 21 2'
#
loop_
_entity.id
_entity.type
_entity.pdbx_description
1 polymer 'Host translation inhibitor nsp1'
2 non-polymer 1-[2-(3-chlorophenyl)-1,3-thiazol-4-yl]-~{N}-methyl-methanamine
3 water water
#
_entity_poly.entity_id   1
_entity_poly.type   'polypeptide(L)'
_entity_poly.pdbx_seq_one_letter_code
;MEKTHVQLSLPVLQVRDVLVRGFGDSVEEVLSEARQHLKDGTCGLVEVEKGVLPQLEQPYVFIKRSDARTAPHGHVMVEL
VAELEGIQYGRSGETLGVLVPHVGEIPVAYRKVLLRKN
;
_entity_poly.pdbx_strand_id   A
#
# COMPACT_ATOMS: atom_id res chain seq x y z
N MET A 1 -8.02 -14.21 -14.73
CA MET A 1 -7.13 -13.83 -15.84
C MET A 1 -6.20 -12.67 -15.47
N GLU A 2 -6.30 -12.23 -14.22
CA GLU A 2 -5.36 -11.26 -13.70
C GLU A 2 -3.95 -11.82 -13.77
N LYS A 3 -3.01 -11.07 -14.38
CA LYS A 3 -1.59 -11.40 -14.19
C LYS A 3 -1.26 -11.34 -12.71
N THR A 4 -0.24 -12.11 -12.30
CA THR A 4 0.02 -12.24 -10.87
C THR A 4 0.54 -10.95 -10.27
N HIS A 5 1.20 -10.12 -11.05
CA HIS A 5 1.78 -8.89 -10.56
C HIS A 5 1.45 -7.77 -11.54
N VAL A 6 1.37 -6.55 -11.03
CA VAL A 6 1.14 -5.38 -11.87
CA VAL A 6 1.12 -5.38 -11.87
C VAL A 6 2.07 -4.25 -11.46
N GLN A 7 2.65 -3.59 -12.45
CA GLN A 7 3.50 -2.42 -12.21
C GLN A 7 2.60 -1.23 -11.95
N LEU A 8 2.87 -0.56 -10.83
CA LEU A 8 2.11 0.61 -10.43
C LEU A 8 3.07 1.70 -9.99
N SER A 9 2.66 2.95 -10.20
N SER A 9 2.59 2.94 -10.15
CA SER A 9 3.39 4.12 -9.70
CA SER A 9 3.27 4.17 -9.79
C SER A 9 2.47 4.82 -8.69
C SER A 9 2.40 4.83 -8.71
N LEU A 10 2.80 4.72 -7.43
CA LEU A 10 1.87 5.15 -6.37
C LEU A 10 2.24 6.54 -5.91
N PRO A 11 1.29 7.44 -5.78
CA PRO A 11 1.57 8.76 -5.20
C PRO A 11 1.89 8.65 -3.71
N VAL A 12 2.99 9.26 -3.31
CA VAL A 12 3.43 9.27 -1.92
C VAL A 12 2.91 10.53 -1.25
N LEU A 13 2.12 10.34 -0.20
CA LEU A 13 1.41 11.44 0.45
C LEU A 13 2.00 11.70 1.82
N GLN A 14 2.04 12.97 2.22
CA GLN A 14 2.40 13.28 3.59
C GLN A 14 1.17 13.03 4.48
N VAL A 15 1.42 12.47 5.66
CA VAL A 15 0.33 12.02 6.51
C VAL A 15 -0.65 13.12 6.84
N ARG A 16 -0.17 14.36 7.08
CA ARG A 16 -1.13 15.39 7.47
C ARG A 16 -2.00 15.90 6.33
N ASP A 17 -1.68 15.50 5.09
CA ASP A 17 -2.52 15.83 3.94
C ASP A 17 -3.64 14.82 3.71
N VAL A 18 -3.54 13.61 4.28
CA VAL A 18 -4.46 12.55 3.89
C VAL A 18 -5.86 12.82 4.40
N LEU A 19 -6.84 12.79 3.51
CA LEU A 19 -8.20 13.07 3.90
C LEU A 19 -8.95 11.85 4.40
N VAL A 20 -8.70 10.68 3.83
CA VAL A 20 -9.38 9.46 4.17
C VAL A 20 -8.31 8.53 4.70
N ARG A 21 -8.32 8.28 6.00
CA ARG A 21 -7.13 7.80 6.70
C ARG A 21 -7.06 6.29 6.89
N GLY A 22 -7.89 5.55 6.19
CA GLY A 22 -7.80 4.11 6.12
C GLY A 22 -8.85 3.61 5.16
N PHE A 23 -8.90 2.29 5.00
CA PHE A 23 -9.76 1.67 4.03
C PHE A 23 -11.02 1.05 4.58
N GLY A 24 -11.18 0.96 5.88
CA GLY A 24 -12.34 0.26 6.41
C GLY A 24 -12.08 -0.23 7.83
N ASP A 25 -12.92 -1.18 8.25
CA ASP A 25 -13.12 -1.41 9.68
C ASP A 25 -12.75 -2.80 10.11
N SER A 26 -12.32 -3.66 9.20
CA SER A 26 -11.87 -5.00 9.50
C SER A 26 -10.71 -5.35 8.58
N VAL A 27 -9.94 -6.36 8.97
CA VAL A 27 -8.79 -6.76 8.18
C VAL A 27 -9.21 -7.13 6.77
N GLU A 28 -10.27 -7.92 6.66
CA GLU A 28 -10.70 -8.39 5.36
C GLU A 28 -11.20 -7.23 4.51
N GLU A 29 -11.88 -6.26 5.12
CA GLU A 29 -12.36 -5.13 4.36
C GLU A 29 -11.21 -4.25 3.89
N VAL A 30 -10.24 -3.98 4.74
CA VAL A 30 -9.19 -3.07 4.30
C VAL A 30 -8.35 -3.68 3.21
N LEU A 31 -8.12 -4.99 3.25
CA LEU A 31 -7.37 -5.61 2.16
C LEU A 31 -8.17 -5.57 0.87
N SER A 32 -9.47 -5.81 0.94
CA SER A 32 -10.31 -5.79 -0.24
C SER A 32 -10.35 -4.40 -0.85
N GLU A 33 -10.61 -3.41 -0.02
CA GLU A 33 -10.68 -2.04 -0.49
C GLU A 33 -9.34 -1.55 -1.03
N ALA A 34 -8.25 -1.89 -0.37
CA ALA A 34 -6.95 -1.48 -0.89
C ALA A 34 -6.75 -2.07 -2.27
N ARG A 35 -7.07 -3.35 -2.48
CA ARG A 35 -6.89 -3.93 -3.80
CA ARG A 35 -6.88 -3.94 -3.80
C ARG A 35 -7.76 -3.25 -4.83
N GLN A 36 -8.99 -2.89 -4.47
N GLN A 36 -8.98 -2.84 -4.45
CA GLN A 36 -9.86 -2.20 -5.40
CA GLN A 36 -9.87 -2.20 -5.42
C GLN A 36 -9.27 -0.85 -5.78
C GLN A 36 -9.45 -0.76 -5.74
N HIS A 37 -8.88 -0.05 -4.77
CA HIS A 37 -8.31 1.27 -5.05
C HIS A 37 -7.03 1.17 -5.86
N LEU A 38 -6.21 0.15 -5.62
CA LEU A 38 -5.02 -0.03 -6.45
C LEU A 38 -5.41 -0.25 -7.91
N LYS A 39 -6.40 -1.13 -8.13
CA LYS A 39 -6.86 -1.41 -9.48
CA LYS A 39 -6.92 -1.42 -9.46
C LYS A 39 -7.42 -0.16 -10.14
N ASP A 40 -8.11 0.71 -9.38
CA ASP A 40 -8.73 1.90 -9.92
C ASP A 40 -7.80 3.11 -10.01
N GLY A 41 -6.56 3.02 -9.53
CA GLY A 41 -5.65 4.14 -9.57
C GLY A 41 -5.94 5.22 -8.56
N THR A 42 -6.56 4.86 -7.44
CA THR A 42 -6.99 5.79 -6.42
C THR A 42 -6.41 5.37 -5.08
N CYS A 43 -5.17 4.89 -5.07
CA CYS A 43 -4.49 4.48 -3.84
CA CYS A 43 -4.49 4.47 -3.85
C CYS A 43 -3.18 5.22 -3.68
N GLY A 44 -2.96 5.77 -2.49
CA GLY A 44 -1.73 6.47 -2.16
C GLY A 44 -0.91 5.67 -1.16
N LEU A 45 0.30 6.17 -0.92
N LEU A 45 0.29 6.20 -0.89
CA LEU A 45 1.25 5.55 -0.02
CA LEU A 45 1.27 5.56 -0.02
C LEU A 45 1.75 6.62 0.95
C LEU A 45 1.88 6.57 0.94
N VAL A 46 1.81 6.27 2.23
CA VAL A 46 2.44 7.10 3.25
C VAL A 46 3.65 6.35 3.81
N GLU A 47 4.80 7.00 3.75
CA GLU A 47 6.01 6.39 4.30
C GLU A 47 5.98 6.48 5.82
N VAL A 48 6.34 5.39 6.47
CA VAL A 48 6.22 5.29 7.93
C VAL A 48 7.44 5.87 8.60
N GLU A 49 7.18 6.81 9.50
CA GLU A 49 8.15 7.47 10.35
C GLU A 49 7.48 7.63 11.71
N LYS A 50 8.27 7.98 12.71
CA LYS A 50 7.69 8.24 14.03
C LYS A 50 6.52 9.22 13.92
N GLY A 51 5.40 8.87 14.56
CA GLY A 51 4.22 9.73 14.56
C GLY A 51 3.20 9.42 13.48
N VAL A 52 3.55 8.63 12.47
CA VAL A 52 2.66 8.45 11.34
C VAL A 52 1.50 7.50 11.65
N LEU A 53 1.77 6.28 12.13
CA LEU A 53 0.67 5.35 12.32
C LEU A 53 -0.40 5.84 13.30
N PRO A 54 -0.06 6.54 14.41
CA PRO A 54 -1.11 7.04 15.31
C PRO A 54 -1.99 8.12 14.68
N GLN A 55 -1.58 8.70 13.55
CA GLN A 55 -2.40 9.64 12.81
C GLN A 55 -3.21 9.00 11.67
N LEU A 56 -3.10 7.68 11.53
CA LEU A 56 -3.89 6.94 10.54
C LEU A 56 -4.82 5.99 11.26
N GLU A 57 -5.76 5.38 10.53
CA GLU A 57 -6.80 4.57 11.14
C GLU A 57 -6.51 3.08 10.97
N GLN A 58 -6.61 2.32 12.05
CA GLN A 58 -6.54 0.87 11.95
C GLN A 58 -7.87 0.26 11.49
N PRO A 59 -7.84 -0.92 10.91
CA PRO A 59 -6.67 -1.70 10.52
C PRO A 59 -5.82 -1.04 9.44
N TYR A 60 -4.52 -1.16 9.53
CA TYR A 60 -3.59 -0.66 8.52
C TYR A 60 -3.38 -1.68 7.41
N VAL A 61 -3.11 -1.16 6.20
CA VAL A 61 -2.65 -1.97 5.09
C VAL A 61 -1.24 -1.52 4.76
N PHE A 62 -0.28 -2.40 4.89
CA PHE A 62 1.08 -2.15 4.47
C PHE A 62 1.38 -2.79 3.12
N ILE A 63 2.25 -2.16 2.36
CA ILE A 63 3.01 -2.87 1.32
C ILE A 63 4.38 -3.21 1.87
N LYS A 64 4.76 -4.47 1.67
CA LYS A 64 6.00 -5.03 2.17
C LYS A 64 6.78 -5.70 1.05
N ARG A 65 8.10 -5.62 1.11
CA ARG A 65 8.90 -6.24 0.05
C ARG A 65 8.82 -7.76 0.05
N SER A 66 8.62 -8.34 -1.14
N SER A 66 8.56 -8.34 -1.14
CA SER A 66 8.31 -9.77 -1.23
CA SER A 66 8.34 -9.78 -1.21
C SER A 66 9.46 -10.61 -1.79
C SER A 66 9.61 -10.56 -1.49
N ASP A 67 10.54 -9.98 -2.25
CA ASP A 67 11.71 -10.72 -2.69
C ASP A 67 12.85 -9.72 -2.85
N ALA A 68 14.08 -10.25 -2.89
CA ALA A 68 15.30 -9.45 -2.90
C ALA A 68 15.99 -9.40 -4.25
N ARG A 69 15.66 -10.29 -5.17
CA ARG A 69 16.24 -10.23 -6.49
C ARG A 69 15.42 -9.27 -7.33
N THR A 70 15.73 -9.23 -8.62
CA THR A 70 14.87 -8.58 -9.61
C THR A 70 14.65 -7.14 -9.16
N ALA A 71 13.41 -6.68 -8.95
CA ALA A 71 13.04 -5.27 -9.04
C ALA A 71 12.99 -4.89 -10.52
N PRO A 72 12.17 -5.59 -11.30
CA PRO A 72 12.19 -5.36 -12.76
C PRO A 72 11.75 -3.95 -13.11
N HIS A 73 12.56 -3.30 -13.94
CA HIS A 73 12.23 -1.98 -14.48
C HIS A 73 12.18 -0.90 -13.42
N GLY A 74 12.85 -1.10 -12.28
CA GLY A 74 12.82 -0.14 -11.18
C GLY A 74 11.65 -0.27 -10.23
N HIS A 75 10.86 -1.34 -10.34
CA HIS A 75 9.70 -1.58 -9.50
C HIS A 75 10.01 -2.66 -8.47
N VAL A 76 10.09 -2.27 -7.19
CA VAL A 76 10.30 -3.25 -6.12
C VAL A 76 9.07 -4.15 -6.03
N MET A 77 9.31 -5.46 -5.91
N MET A 77 9.30 -5.46 -5.91
N MET A 77 9.30 -5.46 -5.86
CA MET A 77 8.23 -6.42 -5.77
CA MET A 77 8.19 -6.38 -5.76
CA MET A 77 8.21 -6.42 -5.80
C MET A 77 7.66 -6.34 -4.36
C MET A 77 7.66 -6.29 -4.35
C MET A 77 7.65 -6.44 -4.38
N VAL A 78 6.34 -6.21 -4.25
CA VAL A 78 5.68 -6.03 -2.97
C VAL A 78 4.39 -6.81 -2.85
N GLU A 79 3.96 -7.02 -1.61
CA GLU A 79 2.68 -7.63 -1.34
C GLU A 79 2.00 -6.92 -0.17
N LEU A 80 0.72 -7.16 0.00
CA LEU A 80 -0.08 -6.51 1.03
C LEU A 80 -0.12 -7.33 2.32
N VAL A 81 0.01 -6.64 3.44
CA VAL A 81 -0.12 -7.23 4.78
C VAL A 81 -0.88 -6.26 5.65
N ALA A 82 -1.93 -6.71 6.31
CA ALA A 82 -2.77 -5.90 7.18
C ALA A 82 -2.38 -6.07 8.64
N GLU A 83 -2.71 -5.05 9.43
CA GLU A 83 -2.38 -5.05 10.87
C GLU A 83 -3.54 -4.50 11.66
N LEU A 84 -3.91 -5.20 12.75
CA LEU A 84 -4.93 -4.73 13.65
C LEU A 84 -4.55 -5.15 15.06
N GLU A 85 -4.49 -4.16 15.96
CA GLU A 85 -4.23 -4.39 17.38
C GLU A 85 -2.96 -5.21 17.55
N GLY A 86 -1.94 -4.87 16.75
CA GLY A 86 -0.62 -5.45 16.92
C GLY A 86 -0.43 -6.81 16.33
N ILE A 87 -1.42 -7.33 15.62
CA ILE A 87 -1.40 -8.63 14.96
C ILE A 87 -1.42 -8.40 13.46
N GLN A 88 -0.51 -9.08 12.77
CA GLN A 88 -0.38 -8.98 11.32
C GLN A 88 -0.96 -10.19 10.62
N TYR A 89 -1.52 -9.95 9.45
CA TYR A 89 -2.24 -10.93 8.64
C TYR A 89 -1.48 -10.96 7.32
N GLY A 90 -0.60 -11.95 7.22
CA GLY A 90 0.47 -11.97 6.24
C GLY A 90 1.83 -11.97 6.91
N ARG A 91 2.83 -12.58 6.30
CA ARG A 91 4.21 -12.34 6.70
C ARG A 91 4.97 -11.99 5.43
N SER A 92 5.84 -10.99 5.51
CA SER A 92 6.56 -10.55 4.32
C SER A 92 7.84 -9.83 4.75
N GLY A 93 8.42 -9.07 3.84
CA GLY A 93 9.64 -8.32 4.10
C GLY A 93 9.43 -6.93 4.67
N GLU A 94 10.39 -6.05 4.39
CA GLU A 94 10.37 -4.73 5.00
C GLU A 94 9.24 -3.87 4.42
N THR A 95 8.64 -3.07 5.28
CA THR A 95 7.57 -2.15 4.88
C THR A 95 8.09 -1.00 4.05
N LEU A 96 7.46 -0.77 2.91
CA LEU A 96 7.68 0.40 2.09
C LEU A 96 6.75 1.54 2.49
N GLY A 97 5.59 1.24 3.05
CA GLY A 97 4.72 2.29 3.52
C GLY A 97 3.36 1.72 3.83
N VAL A 98 2.47 2.62 4.23
CA VAL A 98 1.09 2.28 4.52
CA VAL A 98 1.08 2.29 4.53
C VAL A 98 0.21 2.84 3.40
N LEU A 99 -0.70 2.03 2.91
CA LEU A 99 -1.60 2.43 1.84
C LEU A 99 -2.80 3.15 2.41
N VAL A 100 -3.25 4.19 1.70
CA VAL A 100 -4.45 4.94 2.05
C VAL A 100 -5.18 5.26 0.77
N PRO A 101 -6.47 5.51 0.84
CA PRO A 101 -7.16 6.06 -0.33
C PRO A 101 -6.51 7.36 -0.80
N HIS A 102 -6.49 7.55 -2.13
CA HIS A 102 -6.06 8.83 -2.69
C HIS A 102 -7.31 9.48 -3.25
N VAL A 103 -7.56 10.74 -2.83
CA VAL A 103 -8.73 11.50 -3.26
C VAL A 103 -8.32 12.87 -3.79
N GLY A 104 -7.14 12.93 -4.39
CA GLY A 104 -6.69 14.15 -5.07
C GLY A 104 -5.63 14.93 -4.34
N GLU A 105 -5.14 14.49 -3.18
CA GLU A 105 -4.04 15.14 -2.52
C GLU A 105 -2.81 15.23 -3.41
N ILE A 106 -1.98 16.24 -3.19
CA ILE A 106 -0.78 16.45 -3.99
C ILE A 106 0.35 15.62 -3.40
N PRO A 107 0.94 14.72 -4.15
CA PRO A 107 2.03 13.90 -3.61
C PRO A 107 3.36 14.64 -3.56
N VAL A 108 4.28 14.05 -2.80
CA VAL A 108 5.66 14.52 -2.74
C VAL A 108 6.61 13.70 -3.59
N ALA A 109 6.19 12.55 -4.08
CA ALA A 109 6.99 11.69 -4.91
C ALA A 109 6.05 10.61 -5.39
N TYR A 110 6.56 9.78 -6.30
CA TYR A 110 5.90 8.56 -6.74
C TYR A 110 6.82 7.39 -6.45
N ARG A 111 6.23 6.28 -6.02
CA ARG A 111 6.93 5.06 -5.65
C ARG A 111 6.52 3.95 -6.60
N LYS A 112 7.45 3.44 -7.39
CA LYS A 112 7.20 2.40 -8.37
C LYS A 112 7.31 1.04 -7.69
N VAL A 113 6.26 0.24 -7.84
CA VAL A 113 6.22 -1.09 -7.25
C VAL A 113 5.70 -2.07 -8.28
N LEU A 114 6.05 -3.34 -8.09
CA LEU A 114 5.47 -4.47 -8.81
C LEU A 114 4.66 -5.23 -7.78
N LEU A 115 3.36 -5.05 -7.82
CA LEU A 115 2.46 -5.52 -6.77
C LEU A 115 1.91 -6.91 -7.05
N ARG A 116 2.07 -7.79 -6.09
CA ARG A 116 1.42 -9.09 -6.13
C ARG A 116 -0.04 -8.86 -5.79
N LYS A 117 -0.91 -9.15 -6.74
CA LYS A 117 -2.30 -8.73 -6.56
C LYS A 117 -2.92 -9.44 -5.38
N ASN A 118 -2.66 -10.75 -5.25
CA ASN A 118 -3.18 -11.55 -4.16
C ASN A 118 -2.00 -12.27 -3.49
#